data_5DDF
#
_entry.id   5DDF
#
_cell.length_a   48.553
_cell.length_b   80.189
_cell.length_c   124.989
_cell.angle_alpha   90.000
_cell.angle_beta   90.000
_cell.angle_gamma   90.000
#
_symmetry.space_group_name_H-M   'P 21 21 21'
#
loop_
_entity.id
_entity.type
_entity.pdbx_description
1 polymer Menin
2 non-polymer 4-[4-(5,5-dimethyl-4,5-dihydro-1,3-thiazol-2-yl)piperazin-1-yl]-6-(pentafluoroethyl)thieno[2,3-d]pyrimidine
3 non-polymer 'DIMETHYL SULFOXIDE'
4 non-polymer 'TETRAETHYLENE GLYCOL'
5 non-polymer DI(HYDROXYETHYL)ETHER
6 non-polymer 'SULFATE ION'
7 water water
#
_entity_poly.entity_id   1
_entity_poly.type   'polypeptide(L)'
_entity_poly.pdbx_seq_one_letter_code
;GGSSSMGLKAAQKTLFPLRSIDDVVRLFAAELGREEPDLVLLSLVLGFVEHFLAVNRVGLTYFPVADLSIIAALYARFTA
QIRGAVDLSLYPREGGVSSRELVKKVSDVIWNSLSRSYFKDRAHIQSLFSFITGTKLDSSGVAFAVVGACQALGLRDVHL
ALSEDHAWVVFGPNGEQTAEVTWHGKGNEDRRGQTVNAGVAERSWLYLKGSYMRCDRKMEVAFMVCAINPSIDLHTDSLE
LLQLQQKLLWLLYDLGHLERYPMALGNLADLEELEPTPGRPDPLTLYHKGIASAKTYYRDEHIYPYMYLAGYHCRNRNVR
EALQAWADTATVIQDYNYCREDEEIYKEFFEVANDVIPNLLKEAASLLEAGSQGSALQDPECFAHLLRFYDGICKWEEGS
PTPVLHVGWATFLVQSLGRFEGQVRQKVRIVSVPAPAASPPPEGPVLTFQSEKMKGMKELLVATKINSSAIKLQLTAQSQ
VQMKKQKVS
;
_entity_poly.pdbx_strand_id   A
#
loop_
_chem_comp.id
_chem_comp.type
_chem_comp.name
_chem_comp.formula
5A1 non-polymer 4-[4-(5,5-dimethyl-4,5-dihydro-1,3-thiazol-2-yl)piperazin-1-yl]-6-(pentafluoroethyl)thieno[2,3-d]pyrimidine 'C17 H18 F5 N5 S2'
DMS non-polymer 'DIMETHYL SULFOXIDE' 'C2 H6 O S'
PEG non-polymer DI(HYDROXYETHYL)ETHER 'C4 H10 O3'
PG4 non-polymer 'TETRAETHYLENE GLYCOL' 'C8 H18 O5'
SO4 non-polymer 'SULFATE ION' 'O4 S -2'
#
# COMPACT_ATOMS: atom_id res chain seq x y z
N GLY A 7 14.04 -30.02 -4.96
CA GLY A 7 13.12 -30.49 -3.92
C GLY A 7 11.67 -30.40 -4.34
N LEU A 8 11.51 -30.00 -5.58
CA LEU A 8 10.23 -29.95 -6.30
C LEU A 8 9.66 -31.35 -6.50
N LYS A 9 8.34 -31.45 -6.51
CA LYS A 9 7.64 -32.67 -6.70
C LYS A 9 7.41 -32.83 -8.20
N ALA A 10 7.35 -34.08 -8.66
CA ALA A 10 7.11 -34.34 -10.08
C ALA A 10 5.96 -33.56 -10.65
N ALA A 11 4.85 -33.54 -9.95
CA ALA A 11 3.67 -32.80 -10.39
C ALA A 11 3.89 -31.30 -10.60
N GLN A 12 4.82 -30.74 -9.84
CA GLN A 12 5.10 -29.33 -10.00
C GLN A 12 5.91 -29.06 -11.24
N LYS A 13 6.53 -30.10 -11.81
CA LYS A 13 7.46 -29.92 -12.91
C LYS A 13 6.86 -30.08 -14.30
N THR A 14 5.62 -30.60 -14.40
CA THR A 14 5.05 -31.04 -15.68
C THR A 14 4.65 -29.92 -16.62
N LEU A 15 4.46 -28.69 -16.12
CA LEU A 15 4.14 -27.58 -17.01
C LEU A 15 5.37 -26.95 -17.66
N PHE A 16 6.55 -27.27 -17.15
CA PHE A 16 7.75 -26.65 -17.72
C PHE A 16 8.05 -27.34 -19.05
N PRO A 17 8.72 -26.62 -19.97
CA PRO A 17 9.17 -25.21 -19.86
C PRO A 17 8.06 -24.20 -20.02
N LEU A 18 8.14 -23.05 -19.32
CA LEU A 18 7.14 -22.02 -19.43
C LEU A 18 7.51 -21.10 -20.60
N ARG A 19 6.69 -21.09 -21.66
CA ARG A 19 7.06 -20.36 -22.88
C ARG A 19 6.31 -19.11 -23.13
N SER A 20 5.37 -18.76 -22.26
CA SER A 20 4.56 -17.59 -22.47
C SER A 20 3.94 -17.15 -21.14
N ILE A 21 3.35 -15.98 -21.19
CA ILE A 21 2.54 -15.45 -20.08
C ILE A 21 1.50 -16.46 -19.65
N ASP A 22 0.73 -16.97 -20.60
CA ASP A 22 -0.27 -17.93 -20.25
C ASP A 22 0.27 -19.21 -19.58
N ASP A 23 1.50 -19.65 -19.95
CA ASP A 23 2.09 -20.81 -19.29
C ASP A 23 2.39 -20.50 -17.79
N VAL A 24 2.85 -19.28 -17.55
CA VAL A 24 3.08 -18.83 -16.17
C VAL A 24 1.77 -18.80 -15.40
N VAL A 25 0.71 -18.27 -16.01
CA VAL A 25 -0.63 -18.33 -15.40
C VAL A 25 -1.07 -19.74 -15.08
N ARG A 26 -0.84 -20.68 -16.02
CA ARG A 26 -1.16 -22.08 -15.75
C ARG A 26 -0.45 -22.61 -14.54
N LEU A 27 0.84 -22.24 -14.37
CA LEU A 27 1.60 -22.68 -13.21
C LEU A 27 1.01 -22.17 -11.91
N PHE A 28 0.68 -20.89 -11.90
CA PHE A 28 0.02 -20.29 -10.74
C PHE A 28 -1.32 -20.98 -10.40
N ALA A 29 -2.09 -21.30 -11.42
CA ALA A 29 -3.38 -21.96 -11.20
C ALA A 29 -3.16 -23.33 -10.59
N ALA A 30 -2.17 -24.06 -11.08
CA ALA A 30 -1.89 -25.37 -10.59
C ALA A 30 -1.46 -25.29 -9.13
N GLU A 31 -0.53 -24.38 -8.83
CA GLU A 31 -0.05 -24.24 -7.45
C GLU A 31 -1.16 -23.79 -6.51
N LEU A 32 -2.07 -22.95 -7.00
CA LEU A 32 -3.12 -22.40 -6.13
C LEU A 32 -4.17 -23.49 -5.88
N GLY A 33 -4.13 -24.55 -6.66
CA GLY A 33 -5.04 -25.70 -6.49
C GLY A 33 -4.47 -26.71 -5.50
N ARG A 34 -3.22 -26.48 -5.12
CA ARG A 34 -2.58 -27.38 -4.21
C ARG A 34 -2.89 -27.03 -2.82
N GLU A 35 -2.71 -28.02 -1.97
CA GLU A 35 -2.87 -27.87 -0.54
C GLU A 35 -2.13 -26.63 -0.07
N GLU A 36 -0.89 -26.48 -0.51
CA GLU A 36 -0.10 -25.31 -0.15
C GLU A 36 0.73 -24.82 -1.34
N PRO A 37 0.32 -23.74 -1.97
CA PRO A 37 1.17 -23.28 -3.09
C PRO A 37 2.61 -23.03 -2.67
N ASP A 38 3.51 -23.33 -3.59
CA ASP A 38 4.92 -23.27 -3.30
C ASP A 38 5.46 -21.86 -3.56
N LEU A 39 5.70 -21.12 -2.47
CA LEU A 39 6.06 -19.72 -2.57
C LEU A 39 7.41 -19.53 -3.20
N VAL A 40 8.30 -20.49 -2.94
CA VAL A 40 9.70 -20.37 -3.36
C VAL A 40 9.74 -20.56 -4.92
N LEU A 41 9.05 -21.59 -5.39
CA LEU A 41 8.89 -21.86 -6.84
C LEU A 41 8.32 -20.63 -7.55
N LEU A 42 7.21 -20.13 -7.01
CA LEU A 42 6.47 -19.09 -7.71
C LEU A 42 7.26 -17.77 -7.73
N SER A 43 7.93 -17.43 -6.62
CA SER A 43 8.76 -16.22 -6.59
C SER A 43 9.95 -16.30 -7.51
N LEU A 44 10.58 -17.46 -7.57
CA LEU A 44 11.70 -17.63 -8.49
C LEU A 44 11.25 -17.48 -9.91
N VAL A 45 10.13 -18.09 -10.29
CA VAL A 45 9.60 -17.92 -11.66
C VAL A 45 9.28 -16.48 -12.00
N LEU A 46 8.58 -15.78 -11.10
CA LEU A 46 8.29 -14.36 -11.35
C LEU A 46 9.54 -13.54 -11.42
N GLY A 47 10.52 -13.81 -10.55
CA GLY A 47 11.74 -13.02 -10.62
C GLY A 47 12.55 -13.27 -11.87
N PHE A 48 12.55 -14.52 -12.33
CA PHE A 48 13.20 -14.89 -13.56
C PHE A 48 12.56 -14.14 -14.71
N VAL A 49 11.25 -14.24 -14.85
CA VAL A 49 10.60 -13.59 -15.99
C VAL A 49 10.72 -12.06 -15.92
N GLU A 50 10.62 -11.48 -14.73
CA GLU A 50 10.85 -10.07 -14.55
C GLU A 50 12.23 -9.65 -14.92
N HIS A 51 13.24 -10.44 -14.59
CA HIS A 51 14.61 -10.05 -14.87
C HIS A 51 14.77 -9.91 -16.40
N PHE A 52 14.25 -10.90 -17.10
CA PHE A 52 14.43 -10.97 -18.57
C PHE A 52 13.41 -10.16 -19.36
N LEU A 53 12.43 -9.58 -18.71
CA LEU A 53 11.50 -8.65 -19.35
C LEU A 53 11.70 -7.19 -18.98
N ALA A 54 12.26 -6.92 -17.81
CA ALA A 54 12.39 -5.53 -17.35
C ALA A 54 13.85 -5.13 -17.09
N VAL A 55 14.70 -6.06 -16.63
CA VAL A 55 16.04 -5.70 -16.26
C VAL A 55 17.01 -5.77 -17.40
N ASN A 56 16.94 -6.86 -18.14
CA ASN A 56 17.80 -7.14 -19.27
C ASN A 56 17.01 -7.83 -20.37
N ARG A 57 16.57 -7.04 -21.36
CA ARG A 57 15.82 -7.56 -22.49
C ARG A 57 16.67 -7.93 -23.71
N VAL A 58 17.99 -7.90 -23.57
CA VAL A 58 18.81 -8.30 -24.70
C VAL A 58 18.38 -9.67 -25.17
N GLY A 59 18.16 -9.82 -26.43
CA GLY A 59 17.94 -11.17 -26.88
C GLY A 59 16.47 -11.55 -26.89
N LEU A 60 15.66 -10.77 -26.20
CA LEU A 60 14.22 -11.04 -26.13
C LEU A 60 13.60 -11.05 -27.53
N THR A 61 12.82 -12.08 -27.82
CA THR A 61 12.03 -12.11 -29.04
C THR A 61 10.51 -12.28 -28.79
N TYR A 62 10.15 -12.84 -27.64
CA TYR A 62 8.72 -12.95 -27.30
C TYR A 62 8.56 -13.07 -25.78
N PHE A 63 9.20 -14.10 -25.25
CA PHE A 63 8.99 -14.42 -23.83
C PHE A 63 10.23 -15.15 -23.39
N PRO A 64 10.75 -14.83 -22.17
CA PRO A 64 11.95 -15.53 -21.69
C PRO A 64 11.57 -16.92 -21.26
N VAL A 65 11.85 -17.93 -22.07
CA VAL A 65 11.51 -19.28 -21.72
C VAL A 65 12.16 -19.70 -20.39
N ALA A 66 11.32 -20.19 -19.49
CA ALA A 66 11.77 -20.72 -18.21
C ALA A 66 11.85 -22.25 -18.26
N ASP A 67 13.07 -22.73 -18.43
CA ASP A 67 13.38 -24.14 -18.46
C ASP A 67 13.40 -24.71 -17.06
N LEU A 68 12.89 -25.92 -16.91
CA LEU A 68 12.97 -26.57 -15.60
C LEU A 68 14.38 -26.64 -15.04
N SER A 69 15.35 -26.95 -15.89
CA SER A 69 16.72 -27.08 -15.41
C SER A 69 17.21 -25.79 -14.71
N ILE A 70 16.89 -24.65 -15.28
CA ILE A 70 17.27 -23.35 -14.71
C ILE A 70 16.50 -23.09 -13.40
N ILE A 71 15.18 -23.26 -13.46
CA ILE A 71 14.36 -22.97 -12.26
C ILE A 71 14.66 -23.94 -11.12
N ALA A 72 14.83 -25.21 -11.44
CA ALA A 72 15.14 -26.20 -10.41
C ALA A 72 16.48 -25.91 -9.75
N ALA A 73 17.42 -25.42 -10.52
CA ALA A 73 18.74 -25.12 -9.96
C ALA A 73 18.69 -23.90 -9.04
N LEU A 74 17.90 -22.89 -9.41
CA LEU A 74 17.69 -21.72 -8.50
C LEU A 74 17.04 -22.22 -7.22
N TYR A 75 16.03 -23.07 -7.37
CA TYR A 75 15.27 -23.61 -6.22
C TYR A 75 16.16 -24.40 -5.29
N ALA A 76 17.05 -25.24 -5.88
CA ALA A 76 18.04 -25.92 -5.08
C ALA A 76 18.99 -25.02 -4.36
N ARG A 77 19.40 -23.90 -4.96
CA ARG A 77 20.34 -22.99 -4.29
C ARG A 77 19.63 -22.40 -3.08
N PHE A 78 18.38 -22.04 -3.27
CA PHE A 78 17.65 -21.50 -2.10
C PHE A 78 17.45 -22.52 -0.98
N THR A 79 16.89 -23.65 -1.28
CA THR A 79 16.59 -24.60 -0.21
C THR A 79 17.85 -25.13 0.45
N ALA A 80 18.95 -25.24 -0.31
CA ALA A 80 20.25 -25.63 0.30
C ALA A 80 20.76 -24.60 1.29
N GLN A 81 20.66 -23.33 0.90
CA GLN A 81 21.09 -22.22 1.73
C GLN A 81 20.30 -22.25 3.05
N ILE A 82 19.00 -22.45 2.96
CA ILE A 82 18.14 -22.41 4.16
C ILE A 82 18.28 -23.65 5.01
N ARG A 83 18.23 -24.83 4.42
CA ARG A 83 18.36 -26.08 5.22
C ARG A 83 19.73 -26.22 5.85
N GLY A 84 20.75 -25.78 5.15
CA GLY A 84 22.09 -25.81 5.70
C GLY A 84 22.27 -24.94 6.94
N ALA A 85 21.66 -23.75 6.93
CA ALA A 85 21.93 -22.73 7.92
C ALA A 85 20.99 -22.83 9.10
N VAL A 86 19.80 -23.37 8.88
CA VAL A 86 18.80 -23.50 9.93
C VAL A 86 18.70 -24.99 10.28
N ASP A 87 19.25 -25.34 11.42
CA ASP A 87 19.10 -26.66 11.93
C ASP A 87 17.90 -26.81 12.88
N LEU A 88 16.80 -27.35 12.35
CA LEU A 88 15.53 -27.48 13.09
C LEU A 88 15.56 -28.24 14.38
N SER A 89 16.52 -29.18 14.50
CA SER A 89 16.66 -29.95 15.72
C SER A 89 16.97 -29.10 16.91
N LEU A 90 17.53 -27.92 16.68
CA LEU A 90 17.89 -27.04 17.78
C LEU A 90 16.68 -26.27 18.31
N TYR A 91 15.55 -26.37 17.59
CA TYR A 91 14.33 -25.57 17.87
C TYR A 91 13.07 -26.47 17.85
N PRO A 92 12.89 -27.29 18.91
CA PRO A 92 11.79 -28.28 19.00
C PRO A 92 10.41 -27.62 18.87
N ARG A 93 9.58 -28.14 17.97
CA ARG A 93 8.26 -27.54 17.71
C ARG A 93 7.16 -28.15 18.57
N GLU A 94 6.85 -27.49 19.65
CA GLU A 94 5.77 -27.92 20.44
C GLU A 94 4.63 -27.64 19.46
N GLY A 95 3.89 -28.67 19.07
CA GLY A 95 2.53 -28.60 18.58
C GLY A 95 2.15 -28.14 17.20
N GLY A 96 3.00 -28.42 16.23
CA GLY A 96 2.81 -27.86 14.92
C GLY A 96 3.07 -26.39 14.90
N VAL A 97 3.62 -25.85 15.98
CA VAL A 97 3.88 -24.42 16.06
C VAL A 97 5.37 -24.05 16.24
N SER A 98 5.79 -22.96 15.57
CA SER A 98 7.13 -22.49 15.58
C SER A 98 7.37 -21.61 16.79
N SER A 99 8.62 -21.46 17.13
CA SER A 99 9.03 -20.67 18.27
C SER A 99 9.60 -19.34 17.81
N ARG A 100 9.63 -18.37 18.71
CA ARG A 100 10.19 -17.08 18.36
C ARG A 100 11.66 -17.17 17.98
N GLU A 101 12.37 -18.06 18.68
CA GLU A 101 13.82 -18.29 18.40
C GLU A 101 14.07 -18.81 16.99
N LEU A 102 13.19 -19.66 16.53
CA LEU A 102 13.29 -20.26 15.19
C LEU A 102 13.02 -19.19 14.16
N VAL A 103 11.96 -18.38 14.39
CA VAL A 103 11.59 -17.34 13.41
C VAL A 103 12.76 -16.35 13.34
N LYS A 104 13.34 -16.01 14.49
CA LYS A 104 14.51 -15.10 14.54
C LYS A 104 15.71 -15.67 13.80
N LYS A 105 15.90 -16.96 13.91
CA LYS A 105 17.02 -17.59 13.23
C LYS A 105 16.86 -17.53 11.72
N VAL A 106 15.67 -17.80 11.24
CA VAL A 106 15.43 -17.75 9.80
C VAL A 106 15.62 -16.30 9.33
N SER A 107 15.09 -15.31 10.08
CA SER A 107 15.27 -13.92 9.71
C SER A 107 16.75 -13.56 9.62
N ASP A 108 17.54 -14.04 10.60
CA ASP A 108 18.98 -13.75 10.64
C ASP A 108 19.69 -14.35 9.42
N VAL A 109 19.27 -15.57 9.06
CA VAL A 109 19.88 -16.26 7.88
C VAL A 109 19.66 -15.43 6.61
N ILE A 110 18.46 -14.93 6.43
CA ILE A 110 18.16 -14.11 5.23
C ILE A 110 18.96 -12.81 5.30
N TRP A 111 18.89 -12.13 6.45
CA TRP A 111 19.58 -10.88 6.61
C TRP A 111 21.06 -11.00 6.36
N ASN A 112 21.67 -11.98 6.99
CA ASN A 112 23.14 -12.13 6.89
C ASN A 112 23.59 -12.56 5.50
N SER A 113 22.66 -13.02 4.67
CA SER A 113 22.95 -13.35 3.25
C SER A 113 23.03 -12.16 2.33
N LEU A 114 22.53 -11.00 2.74
CA LEU A 114 22.41 -9.85 1.89
C LEU A 114 23.73 -9.11 1.73
N SER A 115 23.92 -8.52 0.56
CA SER A 115 25.07 -7.65 0.28
C SER A 115 25.13 -6.59 1.36
N ARG A 116 26.36 -6.32 1.81
CA ARG A 116 26.63 -5.38 2.91
C ARG A 116 26.01 -4.03 2.63
N SER A 117 26.15 -3.57 1.39
CA SER A 117 25.80 -2.22 0.97
C SER A 117 25.16 -2.23 -0.44
N TYR A 118 23.95 -1.69 -0.53
CA TYR A 118 23.27 -1.51 -1.83
C TYR A 118 22.13 -0.54 -1.67
N PHE A 119 21.60 -0.04 -2.78
CA PHE A 119 20.43 0.87 -2.76
C PHE A 119 19.19 0.05 -2.49
N LYS A 120 18.62 0.25 -1.30
CA LYS A 120 17.63 -0.69 -0.77
C LYS A 120 16.26 -0.44 -1.42
N ASP A 121 16.14 0.63 -2.17
CA ASP A 121 14.83 1.04 -2.69
C ASP A 121 14.78 0.95 -4.22
N ARG A 122 15.73 0.25 -4.81
CA ARG A 122 15.70 0.05 -6.23
C ARG A 122 14.62 -0.95 -6.66
N ALA A 123 14.30 -0.94 -7.94
CA ALA A 123 13.33 -1.81 -8.54
C ALA A 123 13.96 -3.19 -8.72
N HIS A 124 13.12 -4.20 -8.75
CA HIS A 124 13.46 -5.52 -9.14
C HIS A 124 14.34 -6.25 -8.14
N ILE A 125 14.29 -5.84 -6.88
CA ILE A 125 14.97 -6.57 -5.84
C ILE A 125 13.98 -7.15 -4.80
N GLN A 126 12.80 -7.54 -5.25
CA GLN A 126 11.69 -7.99 -4.37
C GLN A 126 11.59 -9.51 -4.24
N SER A 127 12.09 -10.24 -5.26
CA SER A 127 11.85 -11.69 -5.40
C SER A 127 13.00 -12.55 -4.93
N LEU A 128 12.71 -13.84 -4.84
CA LEU A 128 13.78 -14.76 -4.45
C LEU A 128 14.81 -14.88 -5.60
N PHE A 129 14.43 -14.52 -6.85
CA PHE A 129 15.42 -14.50 -7.96
C PHE A 129 16.49 -13.47 -7.63
N SER A 130 16.11 -12.29 -7.13
CA SER A 130 17.04 -11.26 -6.73
C SER A 130 17.90 -11.67 -5.49
N PHE A 131 17.30 -12.35 -4.54
CA PHE A 131 18.01 -12.86 -3.39
C PHE A 131 19.09 -13.84 -3.78
N ILE A 132 18.78 -14.76 -4.68
CA ILE A 132 19.78 -15.78 -5.08
C ILE A 132 20.82 -15.21 -6.01
N THR A 133 20.40 -14.52 -7.05
CA THR A 133 21.40 -14.08 -8.10
C THR A 133 22.13 -12.80 -7.77
N GLY A 134 21.53 -11.93 -6.94
CA GLY A 134 22.10 -10.62 -6.61
C GLY A 134 22.38 -10.37 -5.16
N THR A 135 21.97 -11.31 -4.31
CA THR A 135 22.07 -11.12 -2.81
C THR A 135 21.48 -9.79 -2.33
N LYS A 136 20.37 -9.42 -2.96
CA LYS A 136 19.71 -8.14 -2.66
C LYS A 136 18.19 -8.37 -2.56
N LEU A 137 17.64 -7.78 -1.48
CA LEU A 137 16.18 -7.68 -1.23
C LEU A 137 15.83 -6.29 -0.68
N ASP A 138 14.62 -5.86 -1.03
CA ASP A 138 14.01 -4.68 -0.44
C ASP A 138 13.36 -5.09 0.87
N SER A 139 12.87 -4.09 1.62
N SER A 139 12.86 -4.12 1.63
CA SER A 139 12.35 -4.36 2.95
CA SER A 139 12.41 -4.44 2.97
C SER A 139 11.33 -5.46 3.02
C SER A 139 11.31 -5.49 3.05
N SER A 140 10.24 -5.33 2.28
CA SER A 140 9.14 -6.30 2.37
C SER A 140 9.59 -7.60 1.74
N GLY A 141 10.54 -7.50 0.78
CA GLY A 141 11.19 -8.67 0.18
C GLY A 141 11.85 -9.57 1.21
N VAL A 142 12.49 -8.98 2.21
CA VAL A 142 13.09 -9.80 3.30
C VAL A 142 11.98 -10.54 4.06
N ALA A 143 10.90 -9.83 4.44
CA ALA A 143 9.80 -10.54 5.09
C ALA A 143 9.23 -11.67 4.27
N PHE A 144 8.98 -11.46 2.97
CA PHE A 144 8.48 -12.53 2.13
C PHE A 144 9.46 -13.70 2.09
N ALA A 145 10.73 -13.38 2.01
CA ALA A 145 11.79 -14.42 1.95
C ALA A 145 11.81 -15.25 3.24
N VAL A 146 11.59 -14.61 4.39
CA VAL A 146 11.52 -15.36 5.63
C VAL A 146 10.34 -16.32 5.57
N VAL A 147 9.16 -15.88 5.11
CA VAL A 147 8.00 -16.73 4.98
C VAL A 147 8.22 -17.91 3.98
N GLY A 148 8.89 -17.61 2.87
CA GLY A 148 9.19 -18.68 1.90
C GLY A 148 10.17 -19.71 2.46
N ALA A 149 11.19 -19.23 3.17
CA ALA A 149 12.16 -20.10 3.84
C ALA A 149 11.44 -20.95 4.92
N CYS A 150 10.54 -20.36 5.70
CA CYS A 150 9.85 -21.14 6.70
C CYS A 150 8.96 -22.20 6.08
N GLN A 151 8.26 -21.88 4.99
CA GLN A 151 7.53 -22.87 4.27
C GLN A 151 8.46 -23.98 3.77
N ALA A 152 9.64 -23.63 3.25
CA ALA A 152 10.57 -24.67 2.74
C ALA A 152 10.99 -25.62 3.84
N LEU A 153 11.11 -25.07 5.04
CA LEU A 153 11.39 -25.85 6.27
C LEU A 153 10.24 -26.63 6.87
N GLY A 154 9.02 -26.54 6.34
CA GLY A 154 7.86 -27.25 6.89
C GLY A 154 7.11 -26.54 8.00
N LEU A 155 7.34 -25.24 8.12
CA LEU A 155 6.76 -24.43 9.25
C LEU A 155 5.48 -23.72 8.79
N ARG A 156 4.41 -24.52 8.81
CA ARG A 156 3.16 -24.16 8.18
C ARG A 156 2.50 -22.93 8.88
N ASP A 157 2.89 -22.66 10.14
CA ASP A 157 2.27 -21.61 10.89
C ASP A 157 2.84 -20.23 10.65
N VAL A 158 3.97 -20.12 9.98
CA VAL A 158 4.59 -18.77 9.82
C VAL A 158 3.97 -18.11 8.59
N HIS A 159 3.42 -16.90 8.74
CA HIS A 159 2.72 -16.26 7.66
C HIS A 159 3.08 -14.80 7.62
N LEU A 160 2.89 -14.21 6.44
CA LEU A 160 3.17 -12.80 6.23
C LEU A 160 2.08 -11.90 6.82
N ALA A 161 2.51 -10.85 7.54
CA ALA A 161 1.61 -9.80 8.07
C ALA A 161 1.97 -8.52 7.31
N LEU A 162 0.94 -7.78 6.91
CA LEU A 162 1.14 -6.59 6.13
C LEU A 162 0.30 -5.43 6.63
N SER A 163 0.92 -4.29 6.84
CA SER A 163 0.16 -3.05 6.99
C SER A 163 0.20 -2.30 5.66
N GLU A 164 -0.06 -0.98 5.65
CA GLU A 164 -0.05 -0.27 4.41
C GLU A 164 1.37 0.19 4.09
N ASP A 165 2.32 0.09 5.04
CA ASP A 165 3.72 0.57 4.83
C ASP A 165 4.79 -0.31 5.40
N HIS A 166 4.41 -1.49 5.87
CA HIS A 166 5.38 -2.38 6.52
C HIS A 166 4.92 -3.84 6.41
N ALA A 167 5.86 -4.76 6.65
CA ALA A 167 5.65 -6.19 6.66
C ALA A 167 6.40 -6.83 7.82
N TRP A 168 5.82 -7.90 8.36
CA TRP A 168 6.40 -8.71 9.45
C TRP A 168 5.77 -10.09 9.32
N VAL A 169 5.92 -10.93 10.33
CA VAL A 169 5.35 -12.23 10.32
C VAL A 169 4.52 -12.54 11.56
N VAL A 170 3.54 -13.41 11.36
CA VAL A 170 2.75 -14.00 12.44
C VAL A 170 3.08 -15.48 12.56
N PHE A 171 2.94 -16.05 13.73
CA PHE A 171 3.29 -17.44 13.87
C PHE A 171 2.75 -17.94 15.21
N GLY A 172 2.98 -19.21 15.49
CA GLY A 172 2.88 -19.68 16.88
C GLY A 172 1.48 -20.19 17.14
N PRO A 173 1.15 -20.45 18.44
CA PRO A 173 -0.13 -21.00 18.89
C PRO A 173 -1.20 -20.13 18.33
N ASN A 174 -2.09 -20.71 17.52
CA ASN A 174 -3.23 -19.94 16.93
C ASN A 174 -2.79 -18.83 15.98
N GLY A 175 -1.53 -18.80 15.57
CA GLY A 175 -1.05 -17.70 14.73
C GLY A 175 -1.13 -16.35 15.46
N GLU A 176 -1.11 -16.41 16.79
CA GLU A 176 -1.26 -15.21 17.62
C GLU A 176 0.01 -14.37 17.87
N GLN A 177 1.19 -14.93 17.63
CA GLN A 177 2.41 -14.24 17.87
C GLN A 177 2.76 -13.38 16.67
N THR A 178 3.39 -12.24 16.95
CA THR A 178 4.01 -11.41 15.89
C THR A 178 5.51 -11.32 16.09
N ALA A 179 6.24 -11.24 14.98
CA ALA A 179 7.62 -10.91 15.03
C ALA A 179 8.13 -9.99 13.88
N GLU A 180 8.86 -8.94 14.22
CA GLU A 180 9.59 -8.10 13.26
C GLU A 180 10.66 -8.96 12.66
N VAL A 181 10.76 -8.91 11.34
CA VAL A 181 11.84 -9.68 10.63
C VAL A 181 12.63 -8.84 9.62
N THR A 182 12.22 -7.63 9.36
CA THR A 182 12.91 -6.72 8.46
C THR A 182 12.96 -5.31 9.01
N TRP A 183 13.56 -4.40 8.24
CA TRP A 183 13.66 -3.00 8.59
C TRP A 183 12.45 -2.22 8.07
N HIS A 184 12.25 -1.04 8.65
CA HIS A 184 11.25 -0.14 8.19
C HIS A 184 11.89 1.20 7.92
N GLY A 185 11.66 1.65 6.72
CA GLY A 185 12.13 2.95 6.25
C GLY A 185 13.62 3.06 6.26
N LYS A 186 14.07 4.27 6.56
CA LYS A 186 15.48 4.67 6.40
C LYS A 186 15.81 5.31 7.72
N GLY A 187 16.83 4.80 8.39
CA GLY A 187 17.34 5.46 9.58
C GLY A 187 16.70 5.01 10.87
N ASN A 188 15.48 4.48 10.77
CA ASN A 188 14.84 3.88 11.93
C ASN A 188 15.73 2.72 12.46
N GLU A 189 15.71 2.55 13.80
CA GLU A 189 16.41 1.45 14.45
C GLU A 189 15.41 0.32 14.36
N ASP A 190 15.89 -0.84 13.92
CA ASP A 190 14.99 -1.98 13.70
C ASP A 190 14.68 -2.64 15.04
N ARG A 191 13.59 -3.39 15.04
CA ARG A 191 13.07 -4.04 16.25
C ARG A 191 12.97 -5.54 15.94
N ARG A 192 13.92 -6.08 15.14
CA ARG A 192 13.81 -7.46 14.65
C ARG A 192 13.73 -8.39 15.89
N GLY A 193 12.82 -9.35 15.79
CA GLY A 193 12.61 -10.32 16.83
C GLY A 193 11.52 -9.93 17.79
N GLN A 194 11.18 -8.65 17.86
CA GLN A 194 10.16 -8.12 18.80
C GLN A 194 8.76 -8.26 18.21
N THR A 195 7.77 -8.18 19.09
CA THR A 195 6.37 -8.08 18.67
C THR A 195 6.08 -6.69 18.10
N VAL A 196 4.88 -6.57 17.58
CA VAL A 196 4.39 -5.28 17.09
C VAL A 196 3.45 -4.62 18.09
N ASN A 197 3.31 -5.21 19.27
CA ASN A 197 2.32 -4.70 20.19
C ASN A 197 2.46 -3.28 20.68
N ALA A 198 3.67 -2.76 20.86
CA ALA A 198 3.83 -1.35 21.21
C ALA A 198 3.30 -0.45 20.12
N GLY A 199 3.55 -0.83 18.87
CA GLY A 199 3.01 -0.03 17.77
C GLY A 199 1.52 -0.06 17.66
N VAL A 200 0.92 -1.22 17.88
CA VAL A 200 -0.54 -1.34 17.90
C VAL A 200 -1.07 -0.44 19.05
N ALA A 201 -0.50 -0.61 20.25
CA ALA A 201 -0.93 0.15 21.43
C ALA A 201 -0.85 1.67 21.23
N GLU A 202 0.13 2.15 20.47
CA GLU A 202 0.27 3.61 20.28
C GLU A 202 -0.68 4.19 19.22
N ARG A 203 -1.43 3.32 18.55
CA ARG A 203 -2.41 3.72 17.56
C ARG A 203 -1.79 4.46 16.39
N SER A 204 -0.58 4.06 16.02
CA SER A 204 0.03 4.62 14.82
C SER A 204 -0.57 4.04 13.55
N TRP A 205 -0.48 4.79 12.45
CA TRP A 205 -0.87 4.26 11.17
C TRP A 205 -0.08 3.00 10.78
N LEU A 206 1.22 3.01 11.06
CA LEU A 206 2.07 1.89 10.67
C LEU A 206 1.56 0.52 11.04
N TYR A 207 0.91 0.41 12.19
CA TYR A 207 0.39 -0.90 12.62
C TYR A 207 -1.14 -1.00 12.58
N LEU A 208 -1.78 0.04 12.04
CA LEU A 208 -3.20 0.01 11.75
C LEU A 208 -4.11 -0.35 12.92
N LYS A 209 -3.72 0.02 14.14
CA LYS A 209 -4.46 -0.28 15.35
C LYS A 209 -4.76 -1.78 15.45
N GLY A 210 -3.91 -2.60 14.83
CA GLY A 210 -4.13 -4.00 14.81
C GLY A 210 -4.94 -4.59 13.69
N SER A 211 -5.47 -3.72 12.84
CA SER A 211 -6.32 -4.08 11.69
C SER A 211 -5.46 -4.32 10.41
N TYR A 212 -4.31 -4.95 10.63
CA TYR A 212 -3.40 -5.30 9.56
C TYR A 212 -3.78 -6.64 8.92
N MET A 213 -3.21 -6.95 7.78
CA MET A 213 -3.54 -8.19 7.11
C MET A 213 -2.71 -9.34 7.64
N ARG A 214 -3.39 -10.45 7.99
CA ARG A 214 -2.72 -11.69 8.36
C ARG A 214 -2.94 -12.64 7.22
N CYS A 215 -1.89 -12.88 6.45
CA CYS A 215 -2.01 -13.65 5.23
C CYS A 215 -2.11 -15.13 5.46
N ASP A 216 -2.91 -15.79 4.63
CA ASP A 216 -2.77 -17.23 4.44
C ASP A 216 -1.87 -17.45 3.21
N ARG A 217 -1.54 -18.70 2.85
CA ARG A 217 -0.60 -18.93 1.77
C ARG A 217 -1.11 -18.36 0.45
N LYS A 218 -2.41 -18.39 0.24
CA LYS A 218 -2.96 -17.84 -1.00
C LYS A 218 -2.81 -16.32 -1.08
N MET A 219 -2.96 -15.59 0.04
CA MET A 219 -2.72 -14.19 0.11
C MET A 219 -1.25 -13.85 -0.07
N GLU A 220 -0.38 -14.76 0.35
CA GLU A 220 1.05 -14.59 0.13
C GLU A 220 1.37 -14.66 -1.37
N VAL A 221 0.70 -15.54 -2.10
CA VAL A 221 0.78 -15.54 -3.56
C VAL A 221 0.30 -14.24 -4.12
N ALA A 222 -0.86 -13.74 -3.66
CA ALA A 222 -1.33 -12.44 -4.08
C ALA A 222 -0.29 -11.31 -3.83
N PHE A 223 0.39 -11.37 -2.68
CA PHE A 223 1.42 -10.39 -2.41
C PHE A 223 2.55 -10.39 -3.47
N MET A 224 3.07 -11.56 -3.81
CA MET A 224 4.18 -11.61 -4.79
C MET A 224 3.74 -11.15 -6.17
N VAL A 225 2.47 -11.36 -6.46
CA VAL A 225 1.91 -10.87 -7.72
C VAL A 225 1.75 -9.37 -7.73
N CYS A 226 1.25 -8.77 -6.66
CA CYS A 226 1.25 -7.31 -6.49
C CYS A 226 2.69 -6.76 -6.60
N ALA A 227 3.65 -7.49 -6.08
CA ALA A 227 5.06 -7.10 -6.07
C ALA A 227 5.76 -7.09 -7.42
N ILE A 228 5.18 -7.72 -8.42
CA ILE A 228 5.75 -7.63 -9.80
C ILE A 228 5.90 -6.14 -10.12
N ASN A 229 7.05 -5.83 -10.68
CA ASN A 229 7.39 -4.44 -11.10
C ASN A 229 7.67 -4.36 -12.56
N PRO A 230 6.66 -3.92 -13.28
CA PRO A 230 6.85 -3.85 -14.75
C PRO A 230 7.74 -2.75 -15.28
N SER A 231 8.22 -1.88 -14.39
N SER A 231 8.19 -1.85 -14.43
CA SER A 231 9.09 -0.77 -14.80
CA SER A 231 8.92 -0.66 -14.88
C SER A 231 10.34 -1.19 -15.51
C SER A 231 10.32 -0.96 -15.41
N ILE A 232 10.53 -0.66 -16.72
CA ILE A 232 11.81 -0.84 -17.36
C ILE A 232 12.68 0.39 -17.06
N ASP A 233 12.10 1.59 -17.19
CA ASP A 233 12.76 2.83 -16.70
C ASP A 233 11.69 3.83 -16.33
N LEU A 234 12.08 5.09 -16.11
CA LEU A 234 11.14 6.13 -15.67
C LEU A 234 9.96 6.35 -16.66
N HIS A 235 10.21 6.11 -17.95
CA HIS A 235 9.21 6.37 -18.99
C HIS A 235 8.53 5.13 -19.56
N THR A 236 9.05 3.94 -19.26
CA THR A 236 8.70 2.75 -20.04
C THR A 236 8.37 1.55 -19.14
N ASP A 237 7.18 0.97 -19.33
CA ASP A 237 6.84 -0.28 -18.65
C ASP A 237 6.83 -1.41 -19.63
N SER A 238 7.13 -2.63 -19.13
CA SER A 238 6.95 -3.83 -19.90
C SER A 238 5.47 -4.19 -20.07
N LEU A 239 5.00 -4.21 -21.30
CA LEU A 239 3.63 -4.63 -21.54
C LEU A 239 3.42 -6.10 -21.12
N GLU A 240 4.46 -6.92 -21.27
CA GLU A 240 4.37 -8.34 -21.03
C GLU A 240 4.14 -8.52 -19.52
N LEU A 241 4.92 -7.82 -18.75
CA LEU A 241 4.75 -7.89 -17.27
C LEU A 241 3.45 -7.28 -16.79
N LEU A 242 3.04 -6.17 -17.36
CA LEU A 242 1.68 -5.69 -17.08
C LEU A 242 0.59 -6.70 -17.34
N GLN A 243 0.65 -7.36 -18.52
CA GLN A 243 -0.34 -8.39 -18.87
C GLN A 243 -0.29 -9.54 -17.93
N LEU A 244 0.93 -9.97 -17.59
CA LEU A 244 1.10 -11.06 -16.63
C LEU A 244 0.52 -10.76 -15.25
N GLN A 245 0.85 -9.59 -14.73
CA GLN A 245 0.34 -9.19 -13.42
C GLN A 245 -1.19 -9.09 -13.41
N GLN A 246 -1.74 -8.52 -14.46
CA GLN A 246 -3.16 -8.35 -14.58
C GLN A 246 -3.84 -9.73 -14.65
N LYS A 247 -3.33 -10.65 -15.51
CA LYS A 247 -3.93 -11.98 -15.59
C LYS A 247 -3.86 -12.77 -14.27
N LEU A 248 -2.73 -12.65 -13.57
CA LEU A 248 -2.56 -13.31 -12.28
C LEU A 248 -3.45 -12.74 -11.22
N LEU A 249 -3.62 -11.42 -11.26
CA LEU A 249 -4.60 -10.80 -10.31
C LEU A 249 -6.05 -11.24 -10.59
N TRP A 250 -6.44 -11.41 -11.87
CA TRP A 250 -7.80 -11.89 -12.16
C TRP A 250 -7.96 -13.33 -11.73
N LEU A 251 -6.91 -14.17 -11.91
CA LEU A 251 -6.94 -15.52 -11.39
C LEU A 251 -7.17 -15.57 -9.92
N LEU A 252 -6.40 -14.81 -9.19
CA LEU A 252 -6.58 -14.72 -7.73
C LEU A 252 -7.99 -14.20 -7.33
N TYR A 253 -8.45 -13.19 -8.03
CA TYR A 253 -9.77 -12.60 -7.81
C TYR A 253 -10.82 -13.68 -7.96
N ASP A 254 -10.76 -14.44 -9.08
CA ASP A 254 -11.77 -15.46 -9.34
C ASP A 254 -11.79 -16.57 -8.35
N LEU A 255 -10.68 -16.85 -7.70
CA LEU A 255 -10.55 -17.92 -6.72
C LEU A 255 -10.86 -17.47 -5.32
N GLY A 256 -11.11 -16.15 -5.17
CA GLY A 256 -11.49 -15.61 -3.89
C GLY A 256 -10.39 -15.04 -3.03
N HIS A 257 -9.17 -15.04 -3.57
CA HIS A 257 -8.00 -14.75 -2.78
C HIS A 257 -7.65 -13.24 -2.67
N LEU A 258 -8.41 -12.38 -3.31
CA LEU A 258 -8.28 -10.92 -3.08
C LEU A 258 -9.34 -10.35 -2.16
N GLU A 259 -10.20 -11.24 -1.65
CA GLU A 259 -11.38 -10.84 -0.84
C GLU A 259 -10.97 -9.96 0.35
N ARG A 260 -9.83 -10.30 0.95
CA ARG A 260 -9.36 -9.65 2.15
C ARG A 260 -8.07 -8.81 1.82
N TYR A 261 -7.93 -8.37 0.58
CA TYR A 261 -6.71 -7.67 0.17
C TYR A 261 -7.07 -6.38 -0.58
N PRO A 262 -7.45 -5.32 0.19
CA PRO A 262 -7.78 -4.00 -0.42
C PRO A 262 -6.74 -3.48 -1.42
N MET A 263 -5.44 -3.51 -1.08
CA MET A 263 -4.48 -2.91 -1.96
C MET A 263 -4.37 -3.65 -3.29
N ALA A 264 -4.57 -4.97 -3.23
CA ALA A 264 -4.54 -5.75 -4.47
C ALA A 264 -5.67 -5.43 -5.40
N LEU A 265 -6.85 -5.18 -4.82
CA LEU A 265 -8.01 -4.72 -5.60
C LEU A 265 -7.76 -3.34 -6.26
N GLY A 266 -7.14 -2.43 -5.53
CA GLY A 266 -6.80 -1.16 -6.06
C GLY A 266 -5.74 -1.28 -7.17
N ASN A 267 -4.73 -2.12 -6.98
CA ASN A 267 -3.75 -2.33 -8.03
CA ASN A 267 -3.74 -2.43 -8.05
C ASN A 267 -4.39 -2.93 -9.31
N LEU A 268 -5.33 -3.86 -9.19
CA LEU A 268 -6.03 -4.44 -10.33
C LEU A 268 -6.87 -3.34 -11.01
N ALA A 269 -7.53 -2.49 -10.23
CA ALA A 269 -8.36 -1.40 -10.79
C ALA A 269 -7.43 -0.45 -11.59
N ASP A 270 -6.25 -0.12 -11.06
CA ASP A 270 -5.29 0.76 -11.73
C ASP A 270 -4.89 0.12 -13.07
N LEU A 271 -4.66 -1.18 -13.07
CA LEU A 271 -4.29 -1.93 -14.29
C LEU A 271 -5.43 -1.92 -15.34
N GLU A 272 -6.66 -2.10 -14.89
CA GLU A 272 -7.79 -2.12 -15.76
C GLU A 272 -8.00 -0.72 -16.38
N GLU A 273 -7.71 0.31 -15.62
CA GLU A 273 -7.82 1.68 -16.16
C GLU A 273 -6.89 1.85 -17.33
N LEU A 274 -5.70 1.31 -17.22
CA LEU A 274 -4.66 1.42 -18.24
C LEU A 274 -5.03 0.59 -19.48
N GLU A 275 -5.58 -0.59 -19.23
CA GLU A 275 -5.90 -1.56 -20.29
C GLU A 275 -7.01 -2.49 -19.88
N PRO A 276 -8.24 -2.14 -20.19
CA PRO A 276 -9.35 -2.95 -19.67
C PRO A 276 -9.49 -4.31 -20.31
N THR A 277 -9.82 -5.27 -19.48
CA THR A 277 -10.08 -6.63 -19.88
C THR A 277 -11.58 -6.73 -20.23
N PRO A 278 -11.93 -7.12 -21.47
CA PRO A 278 -13.36 -7.25 -21.79
C PRO A 278 -14.10 -8.23 -20.89
N GLY A 279 -15.25 -7.78 -20.41
CA GLY A 279 -16.16 -8.57 -19.63
C GLY A 279 -15.89 -8.49 -18.15
N ARG A 280 -14.95 -7.62 -17.75
CA ARG A 280 -14.57 -7.53 -16.34
C ARG A 280 -15.20 -6.27 -15.71
N PRO A 281 -15.34 -6.24 -14.38
CA PRO A 281 -15.80 -5.02 -13.70
C PRO A 281 -14.93 -3.82 -14.07
N ASP A 282 -15.53 -2.63 -14.15
CA ASP A 282 -14.87 -1.35 -14.31
C ASP A 282 -13.93 -1.03 -13.13
N PRO A 283 -12.90 -0.22 -13.40
CA PRO A 283 -12.07 0.22 -12.32
C PRO A 283 -12.84 0.79 -11.14
N LEU A 284 -13.87 1.59 -11.37
CA LEU A 284 -14.58 2.13 -10.21
C LEU A 284 -15.18 1.06 -9.34
N THR A 285 -15.79 0.03 -9.96
CA THR A 285 -16.33 -1.07 -9.20
C THR A 285 -15.26 -1.77 -8.32
N LEU A 286 -14.09 -1.93 -8.90
CA LEU A 286 -12.93 -2.52 -8.21
C LEU A 286 -12.44 -1.65 -7.09
N TYR A 287 -12.36 -0.32 -7.29
CA TYR A 287 -12.00 0.53 -6.15
C TYR A 287 -12.99 0.45 -5.02
N HIS A 288 -14.29 0.44 -5.36
CA HIS A 288 -15.29 0.26 -4.36
C HIS A 288 -15.29 -1.09 -3.61
N LYS A 289 -14.88 -2.16 -4.31
CA LYS A 289 -14.70 -3.44 -3.68
C LYS A 289 -13.55 -3.42 -2.71
N GLY A 290 -12.51 -2.68 -3.04
CA GLY A 290 -11.38 -2.51 -2.14
C GLY A 290 -11.79 -1.81 -0.86
N ILE A 291 -12.60 -0.74 -1.00
CA ILE A 291 -13.12 -0.04 0.15
C ILE A 291 -14.05 -0.95 0.99
N ALA A 292 -14.88 -1.72 0.31
CA ALA A 292 -15.76 -2.69 0.98
C ALA A 292 -14.99 -3.77 1.72
N SER A 293 -13.89 -4.21 1.13
CA SER A 293 -13.02 -5.16 1.80
C SER A 293 -12.48 -4.61 3.11
N ALA A 294 -11.99 -3.35 3.03
CA ALA A 294 -11.45 -2.68 4.21
C ALA A 294 -12.51 -2.52 5.32
N LYS A 295 -13.73 -2.15 4.89
CA LYS A 295 -14.86 -2.01 5.82
C LYS A 295 -15.26 -3.33 6.48
N THR A 296 -15.21 -4.42 5.73
CA THR A 296 -15.67 -5.74 6.19
C THR A 296 -14.67 -6.43 7.08
N TYR A 297 -13.40 -6.38 6.67
CA TYR A 297 -12.36 -7.17 7.30
C TYR A 297 -11.39 -6.39 8.23
N TYR A 298 -11.27 -5.09 8.06
CA TYR A 298 -10.28 -4.29 8.71
C TYR A 298 -10.87 -3.07 9.41
N ARG A 299 -12.14 -3.17 9.84
CA ARG A 299 -12.78 -2.08 10.62
C ARG A 299 -12.74 -0.74 9.95
N ASP A 300 -12.66 -0.71 8.62
CA ASP A 300 -12.51 0.56 7.91
C ASP A 300 -11.37 1.39 8.48
N GLU A 301 -10.20 0.79 8.77
CA GLU A 301 -9.06 1.50 9.30
CA GLU A 301 -9.03 1.47 9.31
C GLU A 301 -7.91 1.69 8.32
N HIS A 302 -8.13 1.38 7.03
CA HIS A 302 -7.15 1.56 6.01
C HIS A 302 -7.32 2.87 5.28
N ILE A 303 -6.22 3.51 4.96
CA ILE A 303 -6.25 4.77 4.24
C ILE A 303 -6.25 4.63 2.73
N TYR A 304 -5.43 3.72 2.21
CA TYR A 304 -5.27 3.63 0.80
C TYR A 304 -6.48 3.26 -0.03
N PRO A 305 -7.49 2.51 0.50
CA PRO A 305 -8.62 2.23 -0.40
C PRO A 305 -9.26 3.54 -0.94
N TYR A 306 -9.38 4.51 -0.05
CA TYR A 306 -9.91 5.82 -0.45
C TYR A 306 -8.92 6.63 -1.30
N MET A 307 -7.61 6.56 -1.02
CA MET A 307 -6.61 7.23 -1.85
CA MET A 307 -6.64 7.27 -1.85
C MET A 307 -6.59 6.69 -3.28
N TYR A 308 -6.72 5.35 -3.42
CA TYR A 308 -6.81 4.74 -4.77
C TYR A 308 -7.98 5.33 -5.54
N LEU A 309 -9.13 5.36 -4.89
CA LEU A 309 -10.36 5.93 -5.50
C LEU A 309 -10.18 7.39 -5.85
N ALA A 310 -9.71 8.19 -4.89
CA ALA A 310 -9.48 9.60 -5.16
C ALA A 310 -8.53 9.85 -6.34
N GLY A 311 -7.44 9.04 -6.44
CA GLY A 311 -6.50 9.19 -7.55
C GLY A 311 -7.17 8.96 -8.87
N TYR A 312 -7.98 7.94 -8.95
CA TYR A 312 -8.69 7.65 -10.22
C TYR A 312 -9.59 8.87 -10.57
N HIS A 313 -10.33 9.40 -9.59
CA HIS A 313 -11.20 10.56 -9.89
C HIS A 313 -10.39 11.80 -10.25
N CYS A 314 -9.26 11.97 -9.61
CA CYS A 314 -8.38 13.08 -9.92
C CYS A 314 -7.87 12.98 -11.37
N ARG A 315 -7.42 11.80 -11.79
CA ARG A 315 -6.88 11.66 -13.14
C ARG A 315 -7.91 11.89 -14.19
N ASN A 316 -9.15 11.55 -13.87
CA ASN A 316 -10.28 11.74 -14.75
C ASN A 316 -10.92 13.11 -14.58
N ARG A 317 -10.30 13.96 -13.76
CA ARG A 317 -10.84 15.32 -13.45
C ARG A 317 -12.30 15.30 -13.02
N ASN A 318 -12.64 14.32 -12.21
CA ASN A 318 -13.90 14.26 -11.53
C ASN A 318 -13.64 14.96 -10.18
N VAL A 319 -13.66 16.30 -10.15
CA VAL A 319 -13.27 17.02 -8.91
C VAL A 319 -14.12 16.70 -7.70
N ARG A 320 -15.44 16.72 -7.87
CA ARG A 320 -16.31 16.38 -6.81
C ARG A 320 -16.05 15.06 -6.13
N GLU A 321 -15.90 14.03 -6.96
CA GLU A 321 -15.69 12.71 -6.46
C GLU A 321 -14.31 12.53 -5.85
N ALA A 322 -13.32 13.23 -6.38
CA ALA A 322 -11.96 13.20 -5.84
C ALA A 322 -11.97 13.84 -4.45
N LEU A 323 -12.62 14.99 -4.31
CA LEU A 323 -12.72 15.64 -3.00
C LEU A 323 -13.49 14.80 -2.00
N GLN A 324 -14.59 14.16 -2.43
CA GLN A 324 -15.29 13.26 -1.58
C GLN A 324 -14.40 12.13 -1.05
N ALA A 325 -13.63 11.49 -1.92
CA ALA A 325 -12.80 10.40 -1.52
C ALA A 325 -11.63 10.83 -0.62
N TRP A 326 -11.10 12.02 -0.87
CA TRP A 326 -10.10 12.52 0.04
C TRP A 326 -10.65 12.90 1.39
N ALA A 327 -11.87 13.42 1.43
CA ALA A 327 -12.57 13.67 2.69
C ALA A 327 -12.71 12.35 3.47
N ASP A 328 -13.06 11.29 2.75
CA ASP A 328 -13.15 9.97 3.33
C ASP A 328 -11.82 9.44 3.81
N THR A 329 -10.71 9.74 3.12
CA THR A 329 -9.38 9.32 3.57
CA THR A 329 -9.40 9.36 3.53
C THR A 329 -9.13 10.02 4.90
N ALA A 330 -9.42 11.31 5.00
CA ALA A 330 -9.21 12.00 6.29
C ALA A 330 -10.06 11.53 7.41
N THR A 331 -11.27 11.11 7.08
CA THR A 331 -12.17 10.57 8.07
C THR A 331 -11.61 9.32 8.72
N VAL A 332 -10.82 8.57 7.95
CA VAL A 332 -10.12 7.42 8.52
C VAL A 332 -8.94 7.82 9.37
N ILE A 333 -8.11 8.74 8.88
CA ILE A 333 -6.90 9.10 9.59
C ILE A 333 -7.20 9.80 10.92
N GLN A 334 -8.37 10.38 11.05
CA GLN A 334 -8.65 11.23 12.23
C GLN A 334 -8.54 10.42 13.55
N ASP A 335 -8.81 9.11 13.51
CA ASP A 335 -8.80 8.28 14.74
C ASP A 335 -7.48 7.61 14.98
N TYR A 336 -6.43 8.06 14.32
CA TYR A 336 -5.06 7.63 14.57
C TYR A 336 -4.27 8.67 15.31
N ASN A 337 -3.17 8.26 15.95
CA ASN A 337 -2.16 9.16 16.46
C ASN A 337 -1.02 9.21 15.52
N TYR A 338 -0.56 10.42 15.19
CA TYR A 338 0.55 10.59 14.28
C TYR A 338 1.84 10.30 15.02
N CYS A 339 2.50 9.21 14.64
CA CYS A 339 3.69 8.73 15.34
C CYS A 339 4.91 8.77 14.46
N ARG A 340 6.04 8.63 15.16
CA ARG A 340 7.35 8.43 14.58
C ARG A 340 7.07 7.17 13.78
N GLU A 341 7.61 7.17 12.57
CA GLU A 341 7.46 6.15 11.57
C GLU A 341 6.25 6.16 10.61
N ASP A 342 5.29 7.08 10.83
CA ASP A 342 4.17 7.26 9.93
C ASP A 342 4.44 8.31 8.82
N GLU A 343 5.70 8.68 8.58
CA GLU A 343 5.94 9.81 7.72
CA GLU A 343 6.07 9.75 7.66
C GLU A 343 5.45 9.57 6.27
N GLU A 344 5.35 8.35 5.77
CA GLU A 344 4.89 8.17 4.40
CA GLU A 344 4.87 8.16 4.40
C GLU A 344 3.44 8.66 4.20
N ILE A 345 2.60 8.44 5.21
CA ILE A 345 1.21 8.90 5.11
C ILE A 345 1.09 10.39 5.31
N TYR A 346 1.96 10.99 6.13
CA TYR A 346 2.08 12.44 6.25
C TYR A 346 2.41 13.01 4.87
N LYS A 347 3.37 12.41 4.18
CA LYS A 347 3.74 12.90 2.86
C LYS A 347 2.63 12.82 1.88
N GLU A 348 1.85 11.74 1.92
CA GLU A 348 0.70 11.60 1.06
C GLU A 348 -0.36 12.66 1.32
N PHE A 349 -0.71 12.89 2.59
CA PHE A 349 -1.66 13.94 2.88
C PHE A 349 -1.11 15.33 2.50
N PHE A 350 0.19 15.59 2.72
CA PHE A 350 0.77 16.88 2.43
C PHE A 350 0.65 17.18 0.91
N GLU A 351 1.00 16.20 0.10
N GLU A 351 0.99 16.18 0.11
CA GLU A 351 0.95 16.35 -1.35
CA GLU A 351 0.94 16.28 -1.34
C GLU A 351 -0.52 16.58 -1.80
C GLU A 351 -0.50 16.54 -1.82
N VAL A 352 -1.48 15.87 -1.23
CA VAL A 352 -2.88 16.09 -1.61
C VAL A 352 -3.33 17.52 -1.27
N ALA A 353 -3.05 17.95 -0.05
CA ALA A 353 -3.49 19.27 0.39
C ALA A 353 -2.77 20.40 -0.28
N ASN A 354 -1.48 20.20 -0.55
CA ASN A 354 -0.60 21.30 -0.88
C ASN A 354 -0.10 21.32 -2.32
N ASP A 355 -0.42 20.28 -3.05
CA ASP A 355 -0.13 20.16 -4.48
C ASP A 355 -1.32 19.75 -5.32
N VAL A 356 -1.91 18.61 -5.02
CA VAL A 356 -2.92 18.01 -5.91
C VAL A 356 -4.21 18.80 -5.88
N ILE A 357 -4.76 19.05 -4.69
CA ILE A 357 -6.00 19.84 -4.61
C ILE A 357 -5.84 21.26 -5.20
N PRO A 358 -4.74 21.96 -4.86
CA PRO A 358 -4.55 23.27 -5.47
C PRO A 358 -4.54 23.25 -7.00
N ASN A 359 -3.86 22.25 -7.58
CA ASN A 359 -3.83 22.16 -9.03
C ASN A 359 -5.18 21.86 -9.65
N LEU A 360 -5.93 20.99 -9.00
CA LEU A 360 -7.29 20.65 -9.41
C LEU A 360 -8.16 21.88 -9.37
N LEU A 361 -8.11 22.66 -8.28
CA LEU A 361 -9.01 23.78 -8.14
C LEU A 361 -8.61 24.94 -9.06
N LYS A 362 -7.30 25.05 -9.32
CA LYS A 362 -6.79 26.06 -10.28
C LYS A 362 -7.36 25.85 -11.67
N GLU A 363 -7.34 24.60 -12.12
CA GLU A 363 -7.91 24.25 -13.40
C GLU A 363 -9.44 24.48 -13.37
N ALA A 364 -10.09 24.03 -12.29
CA ALA A 364 -11.51 24.26 -12.17
C ALA A 364 -11.86 25.72 -12.22
N ALA A 365 -11.06 26.59 -11.61
CA ALA A 365 -11.25 28.03 -11.66
C ALA A 365 -11.17 28.59 -13.13
N SER A 366 -10.16 28.16 -13.87
CA SER A 366 -10.04 28.54 -15.31
C SER A 366 -11.27 28.08 -16.09
N LEU A 367 -11.73 26.86 -15.81
CA LEU A 367 -12.88 26.31 -16.58
C LEU A 367 -14.15 27.02 -16.19
N LEU A 368 -14.26 27.41 -14.91
CA LEU A 368 -15.39 28.24 -14.51
C LEU A 368 -15.42 29.57 -15.20
N GLU A 369 -14.27 30.19 -15.34
CA GLU A 369 -14.16 31.46 -16.07
C GLU A 369 -14.65 31.28 -17.50
N ALA A 370 -14.44 30.08 -18.05
CA ALA A 370 -14.87 29.78 -19.39
C ALA A 370 -16.31 29.31 -19.46
N GLY A 371 -17.03 29.34 -18.37
CA GLY A 371 -18.42 29.01 -18.40
C GLY A 371 -18.87 27.60 -18.07
N SER A 372 -18.05 26.82 -17.40
CA SER A 372 -18.52 25.50 -17.08
C SER A 372 -19.77 25.52 -16.19
N GLN A 373 -20.59 24.49 -16.32
CA GLN A 373 -21.77 24.28 -15.48
C GLN A 373 -21.54 23.07 -14.63
N GLY A 374 -22.18 23.06 -13.45
CA GLY A 374 -22.06 21.96 -12.51
C GLY A 374 -20.66 21.85 -11.91
N SER A 375 -19.91 22.96 -12.00
CA SER A 375 -18.53 23.03 -11.46
C SER A 375 -18.51 22.67 -9.99
N ALA A 376 -17.49 21.91 -9.55
CA ALA A 376 -17.34 21.66 -8.10
C ALA A 376 -17.24 23.01 -7.37
N LEU A 377 -16.71 24.07 -8.00
CA LEU A 377 -16.46 25.34 -7.28
C LEU A 377 -17.77 26.10 -7.04
N GLN A 378 -18.82 25.66 -7.70
CA GLN A 378 -20.18 26.21 -7.43
C GLN A 378 -21.05 25.26 -6.62
N ASP A 379 -20.47 24.15 -6.15
CA ASP A 379 -21.24 23.15 -5.43
C ASP A 379 -20.87 23.23 -3.94
N PRO A 380 -21.79 23.71 -3.08
CA PRO A 380 -21.44 23.68 -1.67
C PRO A 380 -21.13 22.31 -1.04
N GLU A 381 -21.59 21.21 -1.62
CA GLU A 381 -21.25 19.87 -1.12
C GLU A 381 -19.73 19.68 -1.34
N CYS A 382 -19.16 20.24 -2.40
CA CYS A 382 -17.71 20.09 -2.60
C CYS A 382 -16.92 20.97 -1.65
N PHE A 383 -17.42 22.18 -1.33
CA PHE A 383 -16.76 22.94 -0.28
C PHE A 383 -16.82 22.19 1.03
N ALA A 384 -17.94 21.52 1.33
CA ALA A 384 -18.03 20.69 2.51
C ALA A 384 -17.00 19.54 2.53
N HIS A 385 -16.77 18.93 1.39
CA HIS A 385 -15.74 17.86 1.33
C HIS A 385 -14.37 18.41 1.63
N LEU A 386 -14.05 19.59 1.08
CA LEU A 386 -12.75 20.21 1.33
C LEU A 386 -12.64 20.43 2.85
N LEU A 387 -13.69 21.00 3.44
CA LEU A 387 -13.63 21.25 4.89
C LEU A 387 -13.49 19.93 5.70
N ARG A 388 -14.21 18.87 5.30
CA ARG A 388 -14.09 17.57 5.97
C ARG A 388 -12.69 16.98 5.90
N PHE A 389 -12.04 17.14 4.75
CA PHE A 389 -10.65 16.79 4.58
C PHE A 389 -9.76 17.45 5.59
N TYR A 390 -9.86 18.77 5.71
CA TYR A 390 -9.04 19.43 6.68
C TYR A 390 -9.41 19.10 8.10
N ASP A 391 -10.71 18.94 8.38
CA ASP A 391 -11.17 18.54 9.73
C ASP A 391 -10.50 17.23 10.14
N GLY A 392 -10.41 16.26 9.24
CA GLY A 392 -9.85 14.98 9.65
C GLY A 392 -8.36 15.09 9.96
N ILE A 393 -7.65 15.88 9.17
CA ILE A 393 -6.23 16.08 9.38
C ILE A 393 -6.02 16.79 10.74
N CYS A 394 -6.83 17.81 11.01
CA CYS A 394 -6.75 18.47 12.29
C CYS A 394 -7.04 17.51 13.46
N LYS A 395 -8.04 16.64 13.32
CA LYS A 395 -8.42 15.71 14.38
C LYS A 395 -7.29 14.69 14.57
N TRP A 396 -6.70 14.20 13.49
CA TRP A 396 -5.48 13.36 13.50
C TRP A 396 -4.41 13.88 14.41
N GLU A 397 -4.16 15.17 14.26
CA GLU A 397 -3.14 15.86 15.00
C GLU A 397 -3.49 15.91 16.49
N GLU A 398 -4.76 15.97 16.88
CA GLU A 398 -5.10 16.00 18.32
C GLU A 398 -4.61 14.75 19.08
N GLY A 399 -3.96 15.00 20.21
CA GLY A 399 -3.44 13.90 21.02
C GLY A 399 -2.26 13.14 20.42
N SER A 400 -1.73 13.60 19.29
CA SER A 400 -0.61 12.96 18.69
C SER A 400 0.70 13.44 19.35
N PRO A 401 1.71 12.54 19.33
CA PRO A 401 2.98 12.92 20.01
C PRO A 401 3.75 13.98 19.26
N THR A 402 3.40 14.15 17.99
CA THR A 402 4.10 15.00 17.05
C THR A 402 3.01 15.80 16.34
N PRO A 403 3.17 17.13 16.11
CA PRO A 403 2.18 17.88 15.34
C PRO A 403 2.16 17.52 13.86
N VAL A 404 1.10 17.93 13.16
CA VAL A 404 1.01 17.67 11.68
C VAL A 404 1.02 19.02 10.94
N LEU A 405 0.17 19.94 11.38
CA LEU A 405 0.01 21.20 10.69
C LEU A 405 1.09 22.23 11.00
N HIS A 406 1.35 23.04 10.00
CA HIS A 406 2.25 24.19 10.10
C HIS A 406 1.92 25.26 9.07
N VAL A 407 2.61 26.42 9.11
CA VAL A 407 2.18 27.51 8.31
C VAL A 407 2.22 27.26 6.77
N GLY A 408 3.09 26.34 6.33
CA GLY A 408 3.12 25.83 4.96
C GLY A 408 1.76 25.34 4.50
N TRP A 409 1.07 24.66 5.40
CA TRP A 409 -0.27 24.18 5.06
C TRP A 409 -1.28 25.33 5.00
N ALA A 410 -1.10 26.31 5.88
CA ALA A 410 -2.08 27.42 5.97
C ALA A 410 -2.22 28.23 4.69
N THR A 411 -1.11 28.45 3.99
CA THR A 411 -1.13 29.21 2.73
C THR A 411 -1.99 28.54 1.64
N PHE A 412 -1.87 27.24 1.57
CA PHE A 412 -2.65 26.50 0.62
C PHE A 412 -4.11 26.41 1.02
N LEU A 413 -4.37 26.29 2.32
CA LEU A 413 -5.78 26.26 2.78
C LEU A 413 -6.49 27.58 2.42
N VAL A 414 -5.85 28.72 2.67
CA VAL A 414 -6.49 30.02 2.34
C VAL A 414 -6.71 30.11 0.82
N GLN A 415 -5.76 29.66 0.05
CA GLN A 415 -5.92 29.72 -1.39
C GLN A 415 -7.10 28.82 -1.82
N SER A 416 -7.16 27.59 -1.29
CA SER A 416 -8.19 26.66 -1.71
C SER A 416 -9.57 27.17 -1.28
N LEU A 417 -9.69 27.70 -0.07
CA LEU A 417 -10.97 28.24 0.35
C LEU A 417 -11.45 29.39 -0.56
N GLY A 418 -10.50 30.24 -0.97
CA GLY A 418 -10.72 31.37 -1.87
C GLY A 418 -11.21 30.98 -3.25
N ARG A 419 -11.00 29.74 -3.66
CA ARG A 419 -11.44 29.25 -4.98
C ARG A 419 -12.96 29.16 -5.03
N PHE A 420 -13.62 29.11 -3.87
CA PHE A 420 -15.03 29.05 -3.82
C PHE A 420 -15.57 30.42 -3.45
N GLU A 421 -16.56 30.90 -4.21
CA GLU A 421 -17.10 32.21 -3.93
C GLU A 421 -17.86 32.20 -2.57
N GLY A 422 -17.98 33.34 -1.92
CA GLY A 422 -18.69 33.43 -0.63
C GLY A 422 -20.12 32.94 -0.64
N GLN A 423 -20.84 33.18 -1.75
CA GLN A 423 -22.21 32.70 -1.92
C GLN A 423 -22.32 31.20 -1.99
N VAL A 424 -21.26 30.53 -2.35
CA VAL A 424 -21.22 29.09 -2.29
C VAL A 424 -20.86 28.64 -0.87
N ARG A 425 -19.82 29.24 -0.29
CA ARG A 425 -19.36 28.87 1.05
C ARG A 425 -20.45 29.03 2.10
N GLN A 426 -21.27 30.09 1.94
CA GLN A 426 -22.35 30.40 2.92
C GLN A 426 -23.39 29.33 3.00
N LYS A 427 -23.58 28.51 1.93
CA LYS A 427 -24.59 27.47 1.90
C LYS A 427 -24.23 26.23 2.69
N VAL A 428 -22.98 26.07 3.13
CA VAL A 428 -22.72 24.92 4.01
C VAL A 428 -23.15 25.25 5.44
N ARG A 429 -23.92 24.35 6.03
CA ARG A 429 -24.35 24.49 7.42
C ARG A 429 -23.47 23.63 8.29
N ILE A 430 -22.78 24.28 9.20
CA ILE A 430 -21.89 23.59 10.09
C ILE A 430 -22.64 23.47 11.40
N VAL A 431 -23.03 22.25 11.70
CA VAL A 431 -23.81 21.97 12.91
C VAL A 431 -22.95 21.32 13.99
N SER A 432 -23.26 21.67 15.24
CA SER A 432 -22.58 21.26 16.45
C SER A 432 -23.04 19.93 17.02
N PRO A 445 -26.26 21.42 2.17
CA PRO A 445 -25.28 20.55 2.82
C PRO A 445 -25.03 20.88 4.28
N VAL A 446 -24.77 19.82 5.05
CA VAL A 446 -24.53 19.91 6.47
C VAL A 446 -23.25 19.13 6.81
N LEU A 447 -22.51 19.71 7.72
CA LEU A 447 -21.20 19.18 8.05
C LEU A 447 -21.08 19.30 9.55
N THR A 448 -20.54 18.28 10.22
CA THR A 448 -20.20 18.40 11.65
C THR A 448 -18.71 18.29 11.73
N PHE A 449 -18.11 19.19 12.47
CA PHE A 449 -16.66 19.10 12.63
C PHE A 449 -16.34 18.29 13.87
N GLN A 450 -15.31 17.47 13.76
CA GLN A 450 -14.72 16.76 14.91
C GLN A 450 -13.55 17.45 15.59
N SER A 451 -12.79 18.25 14.87
CA SER A 451 -11.57 18.86 15.35
C SER A 451 -11.87 20.21 15.97
N GLU A 452 -11.20 20.52 17.08
CA GLU A 452 -11.34 21.82 17.65
C GLU A 452 -10.77 22.94 16.74
N LYS A 453 -9.72 22.68 15.96
CA LYS A 453 -9.26 23.71 15.03
C LYS A 453 -10.34 24.16 14.03
N MET A 454 -11.02 23.20 13.41
CA MET A 454 -12.03 23.57 12.42
C MET A 454 -13.26 24.19 13.09
N LYS A 455 -13.63 23.72 14.31
CA LYS A 455 -14.76 24.37 15.01
C LYS A 455 -14.51 25.88 15.23
N GLY A 456 -13.28 26.24 15.55
CA GLY A 456 -12.97 27.66 15.80
C GLY A 456 -12.82 28.46 14.53
N MET A 457 -12.71 27.76 13.41
CA MET A 457 -12.60 28.42 12.12
CA MET A 457 -12.61 28.35 12.08
C MET A 457 -13.95 28.70 11.47
N LYS A 458 -15.01 28.15 12.02
CA LYS A 458 -16.30 28.16 11.36
C LYS A 458 -16.75 29.56 10.91
N GLU A 459 -16.75 30.53 11.82
CA GLU A 459 -17.19 31.89 11.43
C GLU A 459 -16.37 32.44 10.25
N LEU A 460 -15.08 32.16 10.21
CA LEU A 460 -14.16 32.68 9.17
C LEU A 460 -14.40 32.09 7.80
N LEU A 461 -15.01 30.90 7.78
CA LEU A 461 -15.15 30.13 6.50
C LEU A 461 -16.16 30.71 5.53
N VAL A 462 -16.96 31.67 5.99
CA VAL A 462 -18.07 32.28 5.25
C VAL A 462 -17.94 33.73 4.76
N ALA A 463 -16.99 34.50 5.29
CA ALA A 463 -16.80 35.87 4.82
C ALA A 463 -16.46 35.98 3.34
N THR A 464 -16.95 37.08 2.73
CA THR A 464 -16.75 37.29 1.30
C THR A 464 -15.28 37.39 1.02
N LYS A 465 -14.61 38.10 1.93
CA LYS A 465 -13.16 38.21 1.97
C LYS A 465 -12.76 37.25 3.06
N ILE A 466 -12.03 36.21 2.68
CA ILE A 466 -11.48 35.30 3.67
C ILE A 466 -10.38 36.02 4.44
N ASN A 467 -10.48 36.03 5.76
CA ASN A 467 -9.38 36.62 6.58
C ASN A 467 -8.20 35.67 6.66
N SER A 468 -7.26 35.83 5.78
CA SER A 468 -6.09 34.98 5.68
C SER A 468 -5.27 34.86 6.96
N SER A 469 -4.95 35.99 7.60
CA SER A 469 -4.16 35.96 8.79
CA SER A 469 -4.15 35.95 8.79
C SER A 469 -4.87 35.22 9.92
N ALA A 470 -6.15 35.43 10.05
CA ALA A 470 -6.88 34.78 11.16
C ALA A 470 -6.95 33.26 10.90
N ILE A 471 -7.24 32.86 9.65
CA ILE A 471 -7.14 31.43 9.27
C ILE A 471 -5.84 30.80 9.61
N LYS A 472 -4.71 31.45 9.22
CA LYS A 472 -3.42 30.99 9.53
C LYS A 472 -3.27 30.80 11.01
N LEU A 473 -3.68 31.79 11.81
CA LEU A 473 -3.57 31.66 13.25
C LEU A 473 -4.37 30.45 13.77
N GLN A 474 -5.55 30.25 13.23
CA GLN A 474 -6.40 29.18 13.75
C GLN A 474 -5.86 27.80 13.35
N LEU A 475 -5.29 27.69 12.15
CA LEU A 475 -4.83 26.39 11.69
C LEU A 475 -3.54 25.95 12.38
N THR A 476 -2.71 26.89 12.81
CA THR A 476 -1.37 26.55 13.31
C THR A 476 -1.24 26.72 14.81
N ALA A 477 -2.30 27.28 15.35
CA ALA A 477 -2.50 27.67 16.72
C ALA A 477 -1.36 28.59 17.21
N GLN A 478 -0.93 29.46 16.27
CA GLN A 478 0.15 30.43 16.48
C GLN A 478 -0.45 31.42 17.45
N SER A 479 0.32 31.74 18.47
CA SER A 479 -0.22 32.49 19.62
C SER A 479 -0.30 33.97 19.22
N GLN A 480 0.77 34.43 18.56
CA GLN A 480 1.08 35.85 18.43
C GLN A 480 1.35 36.31 17.01
N VAL A 481 1.14 37.60 16.76
CA VAL A 481 1.52 38.23 15.47
C VAL A 481 2.67 39.25 15.67
N GLN A 482 3.31 39.58 14.54
CA GLN A 482 4.49 40.47 14.42
C GLN A 482 4.46 41.72 15.27
N MET A 483 5.45 41.87 16.15
C4 5A1 B . 1.24 -4.20 -0.43
C5 5A1 B . 1.54 -2.93 -0.79
C6 5A1 B . 1.04 -2.44 -1.96
N1 5A1 B . 0.29 -3.26 -2.72
N3 5A1 B . 0.50 -4.99 -1.16
FAC 5A1 B . 5.48 -3.10 3.44
CBB 5A1 B . 4.86 -3.46 2.32
FAD 5A1 B . 4.94 -4.78 2.19
FAE 5A1 B . 5.44 -2.87 1.29
CBC 5A1 B . 3.41 -3.04 2.40
FAF 5A1 B . 2.84 -3.71 3.39
FAG 5A1 B . 3.37 -1.75 2.69
CAU 5A1 B . 2.59 -3.27 1.16
SAS 5A1 B . 1.88 -4.57 0.98
CAI 5A1 B . 2.32 -2.39 0.17
C2 5A1 B . -0.04 -4.54 -2.35
NAZ 5A1 B . 1.22 -1.16 -2.42
CAM 5A1 B . 1.02 -0.79 -3.84
CAK 5A1 B . 1.10 0.75 -4.03
CAL 5A1 B . 1.51 -0.09 -1.46
CAJ 5A1 B . 0.48 1.06 -1.57
NAY 5A1 B . 0.38 1.53 -2.97
CAT 5A1 B . -0.31 2.61 -3.31
SAR 5A1 B . -1.15 3.56 -2.27
CBA 5A1 B . -1.71 4.72 -3.43
CAA 5A1 B . -3.24 4.78 -3.40
CAB 5A1 B . -1.13 6.11 -3.09
CAN 5A1 B . -1.22 4.26 -4.77
NAO 5A1 B . -0.39 3.05 -4.56
S DMS C . 6.51 -28.08 -24.62
O DMS C . 7.98 -28.23 -24.74
C1 DMS C . 5.95 -28.99 -23.28
C2 DMS C . 6.05 -26.49 -24.22
O1 PG4 D . 7.37 16.08 3.66
C1 PG4 D . 6.34 16.72 2.92
C2 PG4 D . 6.87 17.94 2.26
O2 PG4 D . 7.01 18.90 3.30
C3 PG4 D . 7.59 20.02 2.65
C4 PG4 D . 7.72 21.11 3.73
O3 PG4 D . 8.68 20.72 4.72
C5 PG4 D . 8.74 21.65 5.74
C6 PG4 D . 9.33 20.88 6.96
O4 PG4 D . 8.37 19.93 7.47
C7 PG4 D . 8.38 19.87 8.88
C8 PG4 D . 6.94 19.43 9.28
O5 PG4 D . 6.87 18.01 9.44
C1 PEG E . 18.89 -1.62 6.17
O1 PEG E . 19.74 -0.85 7.00
C2 PEG E . 19.32 -3.08 6.29
O2 PEG E . 20.17 -3.49 5.22
C3 PEG E . 20.64 -4.83 5.42
C4 PEG E . 22.05 -4.85 4.82
O4 PEG E . 22.72 -6.03 5.29
S SO4 F . 23.67 -1.25 -5.85
O1 SO4 F . 24.14 -2.65 -5.83
O2 SO4 F . 23.92 -0.65 -7.19
O3 SO4 F . 24.45 -0.53 -4.83
O4 SO4 F . 22.21 -1.19 -5.58
S SO4 G . -3.87 31.33 -10.31
O1 SO4 G . -3.06 32.17 -11.21
O2 SO4 G . -3.34 29.95 -10.32
O3 SO4 G . -5.28 31.33 -10.78
O4 SO4 G . -3.77 31.86 -8.92
S DMS H . -2.62 -11.82 16.32
O DMS H . -1.85 -12.07 15.02
C1 DMS H . -1.76 -10.66 17.22
C2 DMS H . -4.07 -11.06 15.99
S DMS I . 4.42 -4.61 -2.45
O DMS I . 4.19 -3.53 -3.40
C1 DMS I . 3.49 -5.98 -2.88
C2 DMS I . 6.04 -5.04 -2.56
S DMS J . 16.86 -16.06 -21.78
O DMS J . 15.44 -15.81 -22.08
C1 DMS J . 17.75 -14.61 -21.94
C2 DMS J . 16.91 -16.37 -20.12
S SO4 K . 26.17 -7.10 -19.15
O1 SO4 K . 27.11 -6.08 -19.88
O2 SO4 K . 26.70 -8.47 -18.60
O3 SO4 K . 25.06 -7.41 -20.12
O4 SO4 K . 25.61 -6.44 -17.95
#